data_3AVB
#
_entry.id   3AVB
#
_cell.length_a   70.899
_cell.length_b   70.899
_cell.length_c   67.046
_cell.angle_alpha   90.000
_cell.angle_beta   90.000
_cell.angle_gamma   120.000
#
_symmetry.space_group_name_H-M   'P 31'
#
loop_
_entity.id
_entity.type
_entity.pdbx_description
1 polymer Integrase
2 polymer 'LEDGF peptide'
3 non-polymer 'SULFATE ION'
4 non-polymer 'CHLORIDE ION'
5 non-polymer 'ACETIC ACID'
6 water water
#
loop_
_entity_poly.entity_id
_entity_poly.type
_entity_poly.pdbx_seq_one_letter_code
_entity_poly.pdbx_strand_id
1 'polypeptide(L)'
;MGSSHHHHHHSSGLVPRGSHMHGQVDSSPGIWQLDCTHLEGKVILVAVHVASGYIEAEVIPAETGQETAYFLLKLAGRWP
VKTVHTDNGSNFTSTTVKAACWWAGIKQEDGIPYNPQSQGVIESMNKELKKIIGQVRDQAEHLKTAVQMAVFIHNHKRKG
GIGGYSAGERIVDIIATDIQTKE
;
A,B
2 'polypeptide(L)' SLKIDNLD X,Y
#
loop_
_chem_comp.id
_chem_comp.type
_chem_comp.name
_chem_comp.formula
ACY non-polymer 'ACETIC ACID' 'C2 H4 O2'
CL non-polymer 'CHLORIDE ION' 'Cl -1'
SO4 non-polymer 'SULFATE ION' 'O4 S -2'
#
# COMPACT_ATOMS: atom_id res chain seq x y z
N SER A 27 16.87 12.70 -5.02
CA SER A 27 16.86 11.28 -5.59
C SER A 27 17.57 10.26 -4.69
N SER A 28 17.51 10.50 -3.41
CA SER A 28 18.02 9.49 -2.50
C SER A 28 16.91 8.41 -2.30
N PRO A 29 17.25 7.24 -1.74
CA PRO A 29 16.29 6.16 -1.61
C PRO A 29 14.99 6.48 -0.82
N GLY A 30 15.04 7.47 0.07
CA GLY A 30 13.90 7.72 1.01
C GLY A 30 13.00 8.89 0.58
N ILE A 31 13.19 9.42 -0.62
CA ILE A 31 12.48 10.70 -0.98
C ILE A 31 11.25 10.45 -1.80
N TRP A 32 10.09 10.99 -1.36
CA TRP A 32 8.88 10.79 -2.09
C TRP A 32 8.22 12.18 -2.28
N GLN A 33 7.36 12.27 -3.28
CA GLN A 33 6.60 13.52 -3.63
CA GLN A 33 6.61 13.52 -3.55
C GLN A 33 5.15 13.20 -3.64
N LEU A 34 4.35 14.04 -2.99
CA LEU A 34 2.92 13.87 -3.06
C LEU A 34 2.37 14.62 -4.26
N ASP A 35 1.25 14.15 -4.79
CA ASP A 35 0.68 14.77 -6.05
C ASP A 35 -0.84 14.54 -5.96
N CYS A 36 -1.67 15.55 -6.28
CA CYS A 36 -3.12 15.40 -6.08
C CYS A 36 -3.68 15.74 -7.44
N THR A 37 -4.52 14.86 -7.99
CA THR A 37 -5.11 15.12 -9.32
C THR A 37 -6.62 14.84 -9.22
N HIS A 38 -7.47 15.30 -10.17
CA HIS A 38 -8.90 15.11 -10.07
C HIS A 38 -9.41 14.34 -11.27
N LEU A 39 -10.44 13.53 -11.02
CA LEU A 39 -11.15 12.84 -12.07
C LEU A 39 -12.51 12.52 -11.55
N GLU A 40 -13.52 12.65 -12.42
CA GLU A 40 -14.87 12.20 -12.09
C GLU A 40 -15.44 12.83 -10.82
N GLY A 41 -15.04 14.08 -10.54
CA GLY A 41 -15.54 14.78 -9.35
C GLY A 41 -14.82 14.31 -8.07
N LYS A 42 -13.77 13.50 -8.22
CA LYS A 42 -13.14 12.89 -7.05
C LYS A 42 -11.67 13.24 -7.12
N VAL A 43 -10.94 12.94 -6.06
CA VAL A 43 -9.56 13.31 -5.91
C VAL A 43 -8.74 12.03 -5.89
N ILE A 44 -7.65 12.05 -6.64
CA ILE A 44 -6.74 10.86 -6.59
C ILE A 44 -5.48 11.44 -5.91
N LEU A 45 -5.08 10.87 -4.78
CA LEU A 45 -3.81 11.29 -4.12
C LEU A 45 -2.77 10.28 -4.49
N VAL A 46 -1.60 10.74 -4.94
CA VAL A 46 -0.54 9.90 -5.40
C VAL A 46 0.71 10.22 -4.63
N ALA A 47 1.50 9.19 -4.26
CA ALA A 47 2.85 9.41 -3.75
C ALA A 47 3.81 8.85 -4.76
N VAL A 48 4.81 9.64 -5.19
CA VAL A 48 5.78 9.10 -6.14
C VAL A 48 7.13 8.99 -5.47
N HIS A 49 7.77 7.84 -5.63
CA HIS A 49 9.14 7.67 -5.25
C HIS A 49 10.04 8.25 -6.33
N VAL A 50 10.69 9.37 -5.99
CA VAL A 50 11.21 10.28 -7.04
C VAL A 50 12.32 9.58 -7.86
N ALA A 51 13.17 8.83 -7.19
CA ALA A 51 14.33 8.21 -7.91
C ALA A 51 13.94 7.06 -8.86
N SER A 52 12.81 6.36 -8.57
CA SER A 52 12.35 5.25 -9.41
C SER A 52 11.13 5.52 -10.26
N GLY A 53 10.32 6.51 -9.92
CA GLY A 53 8.98 6.70 -10.53
C GLY A 53 7.86 5.75 -10.04
N TYR A 54 8.17 4.89 -9.08
CA TYR A 54 7.15 3.93 -8.57
C TYR A 54 6.09 4.81 -7.86
N ILE A 55 4.85 4.39 -7.89
CA ILE A 55 3.76 5.13 -7.23
C ILE A 55 2.83 4.28 -6.35
N GLU A 56 2.22 4.96 -5.38
CA GLU A 56 1.07 4.43 -4.67
C GLU A 56 -0.02 5.49 -4.81
N ALA A 57 -1.31 5.09 -4.82
CA ALA A 57 -2.34 6.12 -5.02
C ALA A 57 -3.60 5.64 -4.33
N GLU A 58 -4.49 6.62 -4.00
CA GLU A 58 -5.80 6.24 -3.52
CA GLU A 58 -5.78 6.26 -3.48
C GLU A 58 -6.80 7.26 -4.01
N VAL A 59 -8.07 6.86 -4.09
N VAL A 59 -8.07 6.88 -4.04
CA VAL A 59 -9.15 7.80 -4.35
CA VAL A 59 -9.14 7.81 -4.33
C VAL A 59 -9.77 8.25 -3.02
C VAL A 59 -9.79 8.26 -3.01
N ILE A 60 -9.97 9.57 -2.88
CA ILE A 60 -10.67 10.19 -1.67
C ILE A 60 -11.71 11.21 -2.14
N PRO A 61 -12.76 11.54 -1.32
CA PRO A 61 -13.76 12.44 -1.88
C PRO A 61 -13.22 13.86 -1.98
N ALA A 62 -12.31 14.21 -1.08
CA ALA A 62 -11.65 15.55 -1.16
C ALA A 62 -10.31 15.50 -0.44
N GLU A 63 -9.35 16.35 -0.81
CA GLU A 63 -8.07 16.34 -0.11
C GLU A 63 -8.23 17.10 1.20
N THR A 64 -8.06 16.44 2.33
CA THR A 64 -8.10 17.08 3.63
C THR A 64 -6.79 16.68 4.29
N GLY A 65 -6.42 17.41 5.35
CA GLY A 65 -5.18 17.06 6.03
C GLY A 65 -5.41 15.67 6.66
N GLN A 66 -6.62 15.37 7.20
CA GLN A 66 -6.79 14.03 7.78
C GLN A 66 -6.55 12.92 6.72
N GLU A 67 -7.11 13.10 5.53
CA GLU A 67 -6.90 12.02 4.47
C GLU A 67 -5.46 11.95 4.07
N THR A 68 -4.78 13.09 4.00
CA THR A 68 -3.38 13.06 3.51
C THR A 68 -2.52 12.40 4.58
N ALA A 69 -2.82 12.70 5.85
CA ALA A 69 -2.06 12.17 7.00
C ALA A 69 -2.21 10.65 7.03
N TYR A 70 -3.43 10.16 6.88
CA TYR A 70 -3.66 8.70 6.87
C TYR A 70 -2.90 8.06 5.71
N PHE A 71 -2.98 8.69 4.54
CA PHE A 71 -2.25 8.12 3.38
C PHE A 71 -0.78 8.02 3.69
N LEU A 72 -0.17 9.08 4.28
CA LEU A 72 1.28 9.02 4.51
C LEU A 72 1.64 7.95 5.57
N LEU A 73 0.75 7.76 6.57
CA LEU A 73 0.98 6.71 7.58
C LEU A 73 1.00 5.37 6.88
N LYS A 74 0.03 5.15 5.96
CA LYS A 74 0.06 3.89 5.14
CA LYS A 74 0.10 3.86 5.20
C LYS A 74 1.39 3.70 4.39
N LEU A 75 1.77 4.74 3.66
CA LEU A 75 2.95 4.64 2.80
C LEU A 75 4.19 4.29 3.67
N ALA A 76 4.38 5.02 4.78
CA ALA A 76 5.55 4.88 5.62
C ALA A 76 5.64 3.56 6.35
N GLY A 77 4.50 2.88 6.57
CA GLY A 77 4.54 1.49 7.11
C GLY A 77 5.01 0.47 6.04
N ARG A 78 4.90 0.78 4.73
CA ARG A 78 5.22 -0.13 3.64
C ARG A 78 6.61 0.10 2.98
N TRP A 79 7.10 1.33 2.95
CA TRP A 79 8.44 1.67 2.42
C TRP A 79 9.18 2.56 3.36
N PRO A 80 10.53 2.60 3.29
CA PRO A 80 11.28 3.47 4.26
C PRO A 80 11.26 4.92 3.82
N VAL A 81 10.22 5.65 4.22
CA VAL A 81 9.96 7.00 3.77
C VAL A 81 10.75 7.98 4.70
N LYS A 82 11.75 8.65 4.13
CA LYS A 82 12.57 9.58 4.94
C LYS A 82 12.06 11.01 4.78
N THR A 83 11.75 11.42 3.57
CA THR A 83 11.35 12.78 3.26
C THR A 83 10.14 12.77 2.36
N VAL A 84 9.13 13.59 2.68
CA VAL A 84 8.02 13.79 1.71
CA VAL A 84 8.02 13.78 1.76
C VAL A 84 7.95 15.25 1.34
N HIS A 85 8.00 15.49 0.03
N HIS A 85 7.99 15.45 0.03
CA HIS A 85 7.70 16.84 -0.48
CA HIS A 85 7.69 16.74 -0.61
C HIS A 85 6.24 16.94 -0.69
C HIS A 85 6.17 16.87 -0.67
N THR A 86 5.58 17.78 0.11
CA THR A 86 4.09 17.84 0.10
CA THR A 86 4.15 17.88 0.15
C THR A 86 3.62 18.50 -1.19
N ASP A 87 2.35 18.26 -1.53
CA ASP A 87 1.85 18.65 -2.86
C ASP A 87 1.35 20.10 -2.90
N ASN A 88 1.14 20.70 -1.74
CA ASN A 88 0.65 22.13 -1.71
C ASN A 88 0.87 22.67 -0.30
N GLY A 89 0.59 23.97 -0.17
CA GLY A 89 0.89 24.61 1.08
C GLY A 89 -0.13 24.26 2.14
N SER A 90 -1.33 23.86 1.80
CA SER A 90 -2.29 23.53 2.86
C SER A 90 -1.85 22.20 3.55
N ASN A 91 -1.47 21.18 2.76
CA ASN A 91 -0.88 19.96 3.38
C ASN A 91 0.45 20.23 4.06
N PHE A 92 1.24 21.16 3.56
CA PHE A 92 2.45 21.53 4.30
C PHE A 92 2.08 22.15 5.69
N THR A 93 1.06 23.00 5.71
CA THR A 93 0.68 23.70 6.94
C THR A 93 -0.06 22.78 7.92
N SER A 94 -0.82 21.83 7.38
CA SER A 94 -1.80 21.07 8.17
C SER A 94 -1.16 20.47 9.43
N THR A 95 -1.72 20.72 10.60
N THR A 95 -1.74 20.74 10.61
CA THR A 95 -1.06 20.16 11.76
CA THR A 95 -1.16 20.17 11.82
C THR A 95 -1.31 18.64 11.83
C THR A 95 -1.33 18.65 11.84
N THR A 96 -2.39 18.16 11.21
CA THR A 96 -2.63 16.69 11.19
C THR A 96 -1.58 16.01 10.30
N VAL A 97 -1.30 16.62 9.12
CA VAL A 97 -0.20 16.07 8.33
C VAL A 97 1.10 16.14 9.13
N LYS A 98 1.40 17.25 9.81
CA LYS A 98 2.66 17.26 10.57
C LYS A 98 2.72 16.21 11.69
N ALA A 99 1.59 15.99 12.32
CA ALA A 99 1.51 14.94 13.36
C ALA A 99 1.72 13.53 12.77
N ALA A 100 1.17 13.23 11.58
CA ALA A 100 1.50 11.93 11.00
C ALA A 100 2.96 11.83 10.62
N CYS A 101 3.55 12.93 10.11
CA CYS A 101 4.96 12.85 9.72
C CYS A 101 5.82 12.70 11.01
N TRP A 102 5.42 13.36 12.10
CA TRP A 102 6.13 13.17 13.35
C TRP A 102 6.01 11.69 13.73
N TRP A 103 4.80 11.14 13.67
CA TRP A 103 4.58 9.78 14.21
C TRP A 103 5.41 8.80 13.44
N ALA A 104 5.39 8.94 12.10
CA ALA A 104 6.02 7.95 11.21
C ALA A 104 7.51 8.25 10.95
N GLY A 105 8.08 9.31 11.59
CA GLY A 105 9.52 9.58 11.37
C GLY A 105 9.88 10.20 10.01
N ILE A 106 8.95 10.95 9.46
CA ILE A 106 9.14 11.54 8.15
C ILE A 106 9.47 13.01 8.26
N LYS A 107 10.47 13.47 7.50
CA LYS A 107 10.77 14.90 7.39
CA LYS A 107 10.78 14.88 7.37
C LYS A 107 9.82 15.51 6.36
N GLN A 108 8.98 16.42 6.79
CA GLN A 108 8.01 17.02 5.90
C GLN A 108 8.59 18.24 5.24
N GLU A 109 8.61 18.31 3.92
CA GLU A 109 9.28 19.40 3.24
C GLU A 109 8.25 20.07 2.32
N ASP A 110 8.56 21.27 1.83
CA ASP A 110 7.71 21.85 0.79
C ASP A 110 7.94 21.15 -0.58
N GLY A 111 7.18 21.50 -1.63
CA GLY A 111 7.31 20.77 -2.91
C GLY A 111 7.66 21.72 -4.05
N ILE A 112 8.24 22.85 -3.64
CA ILE A 112 8.69 23.91 -4.54
CA ILE A 112 8.61 23.86 -4.61
C ILE A 112 9.60 23.28 -5.65
N PRO A 113 9.26 23.45 -6.95
CA PRO A 113 10.17 22.87 -7.93
C PRO A 113 11.39 23.81 -8.17
N TYR A 114 12.30 23.89 -7.20
CA TYR A 114 13.54 24.62 -7.40
C TYR A 114 14.22 24.07 -8.67
N ASN A 115 13.96 22.79 -8.99
CA ASN A 115 14.30 22.22 -10.29
C ASN A 115 13.08 22.18 -11.22
N PRO A 116 13.03 23.07 -12.22
CA PRO A 116 11.80 23.22 -13.01
C PRO A 116 11.40 21.90 -13.72
N GLN A 117 12.39 21.02 -13.95
CA GLN A 117 12.07 19.70 -14.51
C GLN A 117 10.98 19.00 -13.67
N SER A 118 11.12 19.09 -12.34
N SER A 118 11.07 19.11 -12.34
CA SER A 118 10.23 18.45 -11.36
CA SER A 118 10.06 18.53 -11.42
C SER A 118 8.74 18.72 -11.61
C SER A 118 8.64 18.72 -11.90
N GLN A 119 8.42 19.98 -11.87
N GLN A 119 8.11 19.93 -11.79
CA GLN A 119 7.06 20.40 -12.24
CA GLN A 119 6.72 20.15 -12.17
C GLN A 119 6.49 19.61 -13.44
C GLN A 119 6.38 19.48 -13.52
N GLY A 120 7.28 19.55 -14.52
CA GLY A 120 6.96 18.87 -15.81
C GLY A 120 6.80 17.35 -15.68
N VAL A 121 7.59 16.76 -14.79
CA VAL A 121 7.62 15.31 -14.62
C VAL A 121 6.30 14.89 -13.94
N ILE A 122 5.83 15.67 -12.97
N ILE A 122 5.81 15.67 -12.98
CA ILE A 122 4.53 15.41 -12.32
CA ILE A 122 4.54 15.37 -12.32
C ILE A 122 3.36 15.51 -13.30
C ILE A 122 3.31 15.55 -13.23
N GLU A 123 3.35 16.59 -14.07
CA GLU A 123 2.25 16.85 -15.01
C GLU A 123 2.20 15.67 -15.96
N SER A 124 3.35 15.25 -16.43
CA SER A 124 3.29 14.23 -17.41
C SER A 124 2.94 12.86 -16.72
N MET A 125 3.33 12.62 -15.49
N MET A 125 3.36 12.68 -15.47
CA MET A 125 2.80 11.41 -14.82
CA MET A 125 2.89 11.58 -14.59
C MET A 125 1.27 11.46 -14.62
C MET A 125 1.35 11.49 -14.55
N ASN A 126 0.70 12.62 -14.27
CA ASN A 126 -0.75 12.67 -14.14
C ASN A 126 -1.42 12.38 -15.47
N LYS A 127 -0.90 12.96 -16.55
CA LYS A 127 -1.48 12.62 -17.86
C LYS A 127 -1.32 11.13 -18.25
N GLU A 128 -0.18 10.52 -17.97
CA GLU A 128 -0.05 9.03 -18.18
C GLU A 128 -1.03 8.22 -17.32
N LEU A 129 -1.14 8.56 -16.05
N LEU A 129 -1.12 8.58 -16.05
CA LEU A 129 -2.08 7.82 -15.20
CA LEU A 129 -2.05 7.85 -15.16
C LEU A 129 -3.49 7.96 -15.68
C LEU A 129 -3.46 7.98 -15.66
N LYS A 130 -3.85 9.19 -16.05
CA LYS A 130 -5.18 9.38 -16.57
C LYS A 130 -5.41 8.63 -17.87
N LYS A 131 -4.39 8.53 -18.69
CA LYS A 131 -4.56 7.75 -19.90
C LYS A 131 -4.83 6.27 -19.56
N ILE A 132 -4.06 5.74 -18.62
CA ILE A 132 -4.20 4.35 -18.26
C ILE A 132 -5.56 4.15 -17.63
N ILE A 133 -5.96 5.03 -16.72
CA ILE A 133 -7.29 4.92 -16.15
C ILE A 133 -8.40 4.86 -17.25
N GLY A 134 -8.27 5.69 -18.31
CA GLY A 134 -9.23 5.61 -19.43
C GLY A 134 -9.16 4.27 -20.14
N GLN A 135 -7.98 3.69 -20.23
CA GLN A 135 -7.88 2.37 -20.90
C GLN A 135 -8.53 1.23 -20.10
N VAL A 136 -8.69 1.37 -18.76
CA VAL A 136 -9.24 0.26 -17.98
C VAL A 136 -10.59 0.62 -17.48
N ARG A 137 -11.02 1.88 -17.75
CA ARG A 137 -12.11 2.41 -16.93
C ARG A 137 -13.35 1.59 -17.05
N ASP A 138 -13.56 1.02 -18.23
CA ASP A 138 -14.76 0.23 -18.47
C ASP A 138 -14.75 -1.21 -17.85
N GLN A 139 -13.62 -1.62 -17.33
CA GLN A 139 -13.52 -2.93 -16.63
C GLN A 139 -13.91 -2.78 -15.18
N ALA A 140 -14.16 -1.57 -14.70
CA ALA A 140 -14.42 -1.36 -13.23
C ALA A 140 -15.71 -0.57 -13.04
N GLU A 141 -16.52 -0.96 -12.09
CA GLU A 141 -17.69 -0.17 -11.77
C GLU A 141 -17.21 1.10 -11.01
N HIS A 142 -16.35 0.94 -10.00
CA HIS A 142 -15.87 2.05 -9.20
C HIS A 142 -14.55 2.61 -9.63
N LEU A 143 -14.43 3.94 -9.60
CA LEU A 143 -13.16 4.56 -9.94
C LEU A 143 -11.99 4.01 -9.11
N LYS A 144 -12.15 3.70 -7.80
CA LYS A 144 -10.96 3.24 -7.03
C LYS A 144 -10.34 1.95 -7.61
N THR A 145 -11.17 1.05 -8.14
CA THR A 145 -10.62 -0.12 -8.89
C THR A 145 -9.77 0.28 -10.09
N ALA A 146 -10.32 1.19 -10.92
CA ALA A 146 -9.62 1.65 -12.07
C ALA A 146 -8.29 2.27 -11.69
N VAL A 147 -8.30 3.08 -10.59
CA VAL A 147 -7.01 3.69 -10.17
C VAL A 147 -6.04 2.60 -9.73
N GLN A 148 -6.47 1.60 -8.98
CA GLN A 148 -5.48 0.58 -8.59
C GLN A 148 -5.00 -0.21 -9.78
N MET A 149 -5.88 -0.41 -10.80
CA MET A 149 -5.37 -1.14 -12.02
C MET A 149 -4.31 -0.28 -12.69
N ALA A 150 -4.53 1.05 -12.70
CA ALA A 150 -3.50 1.96 -13.30
C ALA A 150 -2.22 2.01 -12.51
N VAL A 151 -2.29 1.94 -11.18
CA VAL A 151 -1.08 1.87 -10.38
C VAL A 151 -0.34 0.55 -10.78
N PHE A 152 -1.11 -0.53 -10.91
CA PHE A 152 -0.46 -1.82 -11.21
C PHE A 152 0.25 -1.67 -12.60
N ILE A 153 -0.48 -1.24 -13.57
CA ILE A 153 0.19 -1.09 -14.92
C ILE A 153 1.39 -0.16 -14.88
N HIS A 154 1.23 1.01 -14.27
CA HIS A 154 2.37 1.98 -14.17
C HIS A 154 3.62 1.34 -13.58
N ASN A 155 3.45 0.64 -12.43
CA ASN A 155 4.56 0.14 -11.68
C ASN A 155 5.20 -1.07 -12.38
N HIS A 156 4.45 -1.77 -13.20
CA HIS A 156 5.03 -3.00 -13.85
C HIS A 156 5.62 -2.70 -15.24
N LYS A 157 5.33 -1.52 -15.81
CA LYS A 157 5.75 -1.15 -17.19
C LYS A 157 7.25 -1.07 -17.34
N ARG A 158 7.78 -1.86 -18.29
CA ARG A 158 9.24 -1.84 -18.57
C ARG A 158 9.54 -0.66 -19.52
N LYS A 159 10.45 0.21 -19.22
CA LYS A 159 10.71 1.35 -20.15
C LYS A 159 12.15 1.36 -20.64
N GLY A 164 15.80 -3.17 -19.83
CA GLY A 164 15.07 -2.05 -19.21
C GLY A 164 14.20 -2.54 -18.05
N TYR A 165 14.14 -1.77 -16.97
CA TYR A 165 13.56 -2.22 -15.71
C TYR A 165 12.19 -1.52 -15.52
N SER A 166 11.33 -2.14 -14.69
CA SER A 166 10.09 -1.41 -14.31
C SER A 166 10.35 -0.46 -13.15
N ALA A 167 9.37 0.43 -12.85
CA ALA A 167 9.54 1.24 -11.63
C ALA A 167 9.61 0.38 -10.36
N GLY A 168 8.78 -0.65 -10.27
CA GLY A 168 8.80 -1.56 -9.07
C GLY A 168 10.11 -2.30 -8.92
N GLU A 169 10.71 -2.68 -10.08
CA GLU A 169 12.10 -3.18 -10.00
C GLU A 169 13.11 -2.11 -9.54
N ARG A 170 13.01 -0.86 -10.01
CA ARG A 170 13.98 0.17 -9.70
C ARG A 170 13.86 0.49 -8.23
N ILE A 171 12.60 0.61 -7.71
CA ILE A 171 12.57 0.98 -6.28
C ILE A 171 13.20 -0.06 -5.35
N VAL A 172 12.92 -1.31 -5.58
CA VAL A 172 13.50 -2.42 -4.78
C VAL A 172 15.05 -2.41 -4.86
N ASP A 173 15.58 -2.28 -6.08
CA ASP A 173 17.06 -2.23 -6.27
CA ASP A 173 17.04 -2.24 -6.28
C ASP A 173 17.65 -1.05 -5.54
N ILE A 174 17.02 0.10 -5.65
CA ILE A 174 17.53 1.28 -4.98
C ILE A 174 17.56 1.13 -3.48
N ILE A 175 16.47 0.66 -2.88
CA ILE A 175 16.46 0.55 -1.44
C ILE A 175 17.35 -0.59 -0.98
N ALA A 176 17.45 -1.67 -1.76
CA ALA A 176 18.26 -2.81 -1.28
C ALA A 176 19.75 -2.42 -1.27
N THR A 177 20.12 -1.61 -2.25
CA THR A 177 21.50 -1.12 -2.38
C THR A 177 21.81 -0.27 -1.15
N ASP A 178 20.89 0.65 -0.81
CA ASP A 178 20.95 1.45 0.40
C ASP A 178 21.04 0.66 1.71
N ILE A 179 20.27 -0.43 1.85
CA ILE A 179 20.36 -1.26 3.06
C ILE A 179 21.78 -1.84 3.22
N GLN A 180 22.39 -2.24 2.12
CA GLN A 180 23.66 -3.02 2.12
C GLN A 180 24.90 -2.24 2.64
N SER B 28 9.80 -18.44 -1.15
CA SER B 28 9.93 -17.95 -2.54
C SER B 28 9.57 -16.42 -2.55
N PRO B 29 10.23 -15.59 -3.40
CA PRO B 29 10.04 -14.14 -3.32
C PRO B 29 8.60 -13.63 -3.58
N GLY B 30 7.83 -14.40 -4.37
CA GLY B 30 6.47 -14.00 -4.83
C GLY B 30 5.34 -14.56 -3.95
N ILE B 31 5.64 -15.21 -2.83
CA ILE B 31 4.54 -15.98 -2.17
C ILE B 31 3.98 -15.22 -0.96
N TRP B 32 2.65 -14.99 -0.93
CA TRP B 32 2.01 -14.27 0.14
C TRP B 32 0.87 -15.15 0.67
N GLN B 33 0.50 -14.89 1.92
CA GLN B 33 -0.60 -15.57 2.65
CA GLN B 33 -0.59 -15.58 2.60
C GLN B 33 -1.56 -14.59 3.16
N LEU B 34 -2.83 -14.82 2.89
CA LEU B 34 -3.86 -13.92 3.44
C LEU B 34 -4.26 -14.40 4.82
N ASP B 35 -4.75 -13.50 5.65
CA ASP B 35 -5.09 -13.87 7.04
C ASP B 35 -6.19 -12.88 7.44
N CYS B 36 -7.23 -13.32 8.17
CA CYS B 36 -8.34 -12.45 8.46
C CYS B 36 -8.49 -12.57 9.99
N THR B 37 -8.55 -11.44 10.67
CA THR B 37 -8.68 -11.47 12.16
C THR B 37 -9.74 -10.43 12.56
N HIS B 38 -10.32 -10.49 13.76
CA HIS B 38 -11.40 -9.62 14.15
C HIS B 38 -10.99 -8.81 15.37
N LEU B 39 -11.44 -7.56 15.42
CA LEU B 39 -11.27 -6.69 16.56
C LEU B 39 -12.35 -5.67 16.52
N GLU B 40 -12.93 -5.35 17.69
CA GLU B 40 -13.89 -4.24 17.82
C GLU B 40 -15.08 -4.37 16.89
N GLY B 41 -15.50 -5.61 16.64
CA GLY B 41 -16.64 -5.84 15.73
C GLY B 41 -16.28 -5.63 14.28
N LYS B 42 -14.99 -5.47 13.97
CA LYS B 42 -14.63 -5.21 12.59
C LYS B 42 -13.66 -6.32 12.17
N VAL B 43 -13.23 -6.28 10.93
CA VAL B 43 -12.37 -7.27 10.36
C VAL B 43 -11.09 -6.65 9.88
N ILE B 44 -10.00 -7.31 10.23
CA ILE B 44 -8.70 -6.79 9.74
C ILE B 44 -8.23 -7.83 8.71
N LEU B 45 -8.03 -7.41 7.47
CA LEU B 45 -7.51 -8.37 6.47
C LEU B 45 -6.02 -8.09 6.33
N VAL B 46 -5.19 -9.12 6.40
CA VAL B 46 -3.73 -9.01 6.39
C VAL B 46 -3.19 -9.87 5.27
N ALA B 47 -2.19 -9.37 4.55
CA ALA B 47 -1.38 -10.18 3.64
C ALA B 47 -0.01 -10.27 4.23
N VAL B 48 0.51 -11.51 4.39
CA VAL B 48 1.91 -11.66 4.87
C VAL B 48 2.78 -12.20 3.77
N HIS B 49 3.93 -11.58 3.59
CA HIS B 49 4.93 -12.10 2.72
C HIS B 49 5.71 -13.17 3.47
N VAL B 50 5.51 -14.42 3.05
CA VAL B 50 5.87 -15.57 3.92
C VAL B 50 7.38 -15.60 4.25
N ALA B 51 8.20 -15.36 3.25
CA ALA B 51 9.67 -15.50 3.46
C ALA B 51 10.24 -14.43 4.37
N SER B 52 9.62 -13.21 4.41
CA SER B 52 10.15 -12.12 5.26
C SER B 52 9.35 -11.80 6.50
N GLY B 53 8.08 -12.20 6.56
CA GLY B 53 7.14 -11.74 7.60
C GLY B 53 6.60 -10.30 7.45
N TYR B 54 6.93 -9.67 6.32
CA TYR B 54 6.46 -8.25 6.08
C TYR B 54 4.93 -8.32 5.90
N ILE B 55 4.19 -7.30 6.31
CA ILE B 55 2.69 -7.38 6.15
C ILE B 55 2.10 -6.09 5.55
N GLU B 56 0.92 -6.19 4.92
CA GLU B 56 0.08 -5.04 4.57
C GLU B 56 -1.28 -5.42 5.23
N ALA B 57 -2.10 -4.42 5.63
CA ALA B 57 -3.33 -4.82 6.29
C ALA B 57 -4.33 -3.69 6.07
N GLU B 58 -5.64 -4.01 6.15
CA GLU B 58 -6.62 -2.95 6.09
CA GLU B 58 -6.63 -2.97 6.07
C GLU B 58 -7.77 -3.36 6.99
N VAL B 59 -8.50 -2.37 7.45
CA VAL B 59 -9.75 -2.63 8.18
C VAL B 59 -10.94 -2.57 7.19
N ILE B 60 -11.81 -3.56 7.27
CA ILE B 60 -13.08 -3.64 6.40
C ILE B 60 -14.26 -4.03 7.29
N PRO B 61 -15.55 -3.71 6.92
CA PRO B 61 -16.62 -3.96 7.91
C PRO B 61 -16.88 -5.47 7.99
N ALA B 62 -16.69 -6.15 6.86
CA ALA B 62 -16.80 -7.63 6.87
C ALA B 62 -15.99 -8.20 5.72
N GLU B 63 -15.58 -9.47 5.81
CA GLU B 63 -14.80 -10.06 4.74
C GLU B 63 -15.80 -10.50 3.67
N THR B 64 -15.67 -9.96 2.46
CA THR B 64 -16.50 -10.34 1.30
C THR B 64 -15.48 -10.59 0.18
N GLY B 65 -15.91 -11.27 -0.90
CA GLY B 65 -15.00 -11.54 -2.01
C GLY B 65 -14.68 -10.19 -2.68
N GLN B 66 -15.64 -9.23 -2.74
CA GLN B 66 -15.32 -7.92 -3.34
C GLN B 66 -14.22 -7.19 -2.52
N GLU B 67 -14.30 -7.24 -1.19
CA GLU B 67 -13.22 -6.52 -0.39
C GLU B 67 -11.92 -7.25 -0.55
N THR B 68 -11.98 -8.59 -0.57
CA THR B 68 -10.72 -9.34 -0.67
C THR B 68 -10.06 -9.10 -2.00
N ALA B 69 -10.86 -9.11 -3.05
CA ALA B 69 -10.37 -8.89 -4.42
C ALA B 69 -9.70 -7.53 -4.56
N TYR B 70 -10.35 -6.51 -4.01
CA TYR B 70 -9.77 -5.16 -4.13
C TYR B 70 -8.45 -5.10 -3.36
N PHE B 71 -8.43 -5.74 -2.20
CA PHE B 71 -7.19 -5.70 -1.37
C PHE B 71 -6.09 -6.36 -2.18
N LEU B 72 -6.37 -7.49 -2.82
CA LEU B 72 -5.31 -8.18 -3.57
C LEU B 72 -4.84 -7.36 -4.79
N LEU B 73 -5.77 -6.62 -5.45
CA LEU B 73 -5.40 -5.80 -6.58
C LEU B 73 -4.40 -4.73 -6.07
N LYS B 74 -4.75 -4.09 -4.94
CA LYS B 74 -3.83 -3.11 -4.29
CA LYS B 74 -3.81 -3.10 -4.34
C LYS B 74 -2.42 -3.72 -4.04
N LEU B 75 -2.41 -4.88 -3.36
CA LEU B 75 -1.14 -5.54 -2.99
C LEU B 75 -0.29 -5.81 -4.25
N ALA B 76 -0.89 -6.40 -5.32
CA ALA B 76 -0.13 -6.80 -6.51
C ALA B 76 0.33 -5.68 -7.35
N GLY B 77 -0.26 -4.47 -7.19
CA GLY B 77 0.31 -3.28 -7.86
C GLY B 77 1.56 -2.74 -7.15
N ARG B 78 1.72 -3.09 -5.87
CA ARG B 78 2.82 -2.58 -5.01
C ARG B 78 4.00 -3.51 -4.87
N TRP B 79 3.78 -4.83 -4.87
CA TRP B 79 4.84 -5.85 -4.83
C TRP B 79 4.61 -6.91 -5.88
N PRO B 80 5.67 -7.68 -6.27
CA PRO B 80 5.50 -8.73 -7.34
C PRO B 80 4.90 -9.99 -6.76
N VAL B 81 3.58 -10.00 -6.65
CA VAL B 81 2.81 -11.04 -6.03
C VAL B 81 2.63 -12.20 -7.08
N LYS B 82 3.29 -13.36 -6.85
CA LYS B 82 3.15 -14.47 -7.79
C LYS B 82 2.07 -15.46 -7.34
N THR B 83 2.03 -15.76 -6.05
CA THR B 83 1.10 -16.71 -5.52
C THR B 83 0.46 -16.19 -4.26
N VAL B 84 -0.85 -16.34 -4.13
CA VAL B 84 -1.49 -16.03 -2.86
CA VAL B 84 -1.46 -16.04 -2.83
C VAL B 84 -2.17 -17.29 -2.29
N HIS B 85 -1.79 -17.65 -1.08
CA HIS B 85 -2.57 -18.67 -0.31
C HIS B 85 -3.72 -17.97 0.34
N THR B 86 -4.94 -18.31 -0.06
CA THR B 86 -6.14 -17.62 0.45
CA THR B 86 -6.10 -17.65 0.43
C THR B 86 -6.38 -18.07 1.90
N ASP B 87 -7.11 -17.22 2.65
CA ASP B 87 -7.24 -17.43 4.11
C ASP B 87 -8.38 -18.40 4.45
N ASN B 88 -9.26 -18.70 3.50
CA ASN B 88 -10.38 -19.67 3.80
C ASN B 88 -11.00 -20.11 2.45
N GLY B 89 -11.94 -21.05 2.55
CA GLY B 89 -12.52 -21.63 1.31
C GLY B 89 -13.47 -20.69 0.62
N SER B 90 -14.11 -19.79 1.34
CA SER B 90 -15.04 -18.84 0.67
C SER B 90 -14.25 -17.88 -0.26
N ASN B 91 -13.13 -17.32 0.23
CA ASN B 91 -12.26 -16.52 -0.70
C ASN B 91 -11.57 -17.36 -1.73
N PHE B 92 -11.29 -18.64 -1.49
CA PHE B 92 -10.72 -19.45 -2.55
C PHE B 92 -11.80 -19.65 -3.64
N THR B 93 -13.06 -19.87 -3.22
CA THR B 93 -14.12 -20.17 -4.18
C THR B 93 -14.61 -18.90 -4.92
N SER B 94 -14.54 -17.76 -4.26
CA SER B 94 -15.17 -16.54 -4.74
C SER B 94 -14.78 -16.21 -6.20
N THR B 95 -15.75 -16.03 -7.08
N THR B 95 -15.78 -16.04 -7.08
CA THR B 95 -15.36 -15.74 -8.44
CA THR B 95 -15.45 -15.70 -8.46
C THR B 95 -14.78 -14.30 -8.60
C THR B 95 -14.78 -14.31 -8.58
N THR B 96 -15.20 -13.37 -7.73
CA THR B 96 -14.60 -12.00 -7.70
C THR B 96 -13.13 -12.05 -7.30
N VAL B 97 -12.81 -12.83 -6.24
CA VAL B 97 -11.42 -13.01 -5.91
C VAL B 97 -10.68 -13.68 -7.11
N LYS B 98 -11.27 -14.72 -7.73
CA LYS B 98 -10.51 -15.31 -8.85
C LYS B 98 -10.35 -14.33 -10.02
N ALA B 99 -11.34 -13.48 -10.22
CA ALA B 99 -11.25 -12.47 -11.29
C ALA B 99 -10.13 -11.47 -10.98
N ALA B 100 -9.97 -11.02 -9.72
CA ALA B 100 -8.85 -10.16 -9.41
C ALA B 100 -7.57 -10.86 -9.56
N CYS B 101 -7.49 -12.15 -9.19
CA CYS B 101 -6.20 -12.83 -9.33
C CYS B 101 -5.86 -13.07 -10.82
N TRP B 102 -6.88 -13.32 -11.65
CA TRP B 102 -6.67 -13.33 -13.07
C TRP B 102 -6.11 -11.97 -13.55
N TRP B 103 -6.75 -10.88 -13.15
CA TRP B 103 -6.41 -9.57 -13.67
C TRP B 103 -4.97 -9.28 -13.35
N ALA B 104 -4.61 -9.50 -12.08
CA ALA B 104 -3.29 -9.07 -11.58
C ALA B 104 -2.19 -10.14 -11.77
N GLY B 105 -2.50 -11.26 -12.49
CA GLY B 105 -1.45 -12.29 -12.74
C GLY B 105 -1.01 -13.08 -11.51
N ILE B 106 -1.93 -13.35 -10.63
CA ILE B 106 -1.64 -14.02 -9.38
C ILE B 106 -2.21 -15.43 -9.47
N LYS B 107 -1.39 -16.39 -9.07
N LYS B 107 -1.40 -16.40 -9.04
CA LYS B 107 -1.83 -17.79 -8.89
CA LYS B 107 -1.83 -17.78 -8.87
C LYS B 107 -2.56 -17.93 -7.54
C LYS B 107 -2.55 -17.91 -7.53
N GLN B 108 -3.84 -18.21 -7.58
CA GLN B 108 -4.59 -18.29 -6.35
C GLN B 108 -4.53 -19.71 -5.88
N GLU B 109 -4.12 -19.94 -4.63
CA GLU B 109 -3.97 -21.27 -4.09
C GLU B 109 -4.79 -21.40 -2.79
N ASP B 110 -4.96 -22.63 -2.34
CA ASP B 110 -5.60 -22.79 -1.02
C ASP B 110 -4.59 -22.40 0.12
N GLY B 111 -4.99 -22.42 1.39
CA GLY B 111 -4.04 -22.02 2.46
C GLY B 111 -3.95 -23.13 3.49
N ILE B 112 -4.12 -24.35 2.99
N ILE B 112 -4.17 -24.36 3.01
CA ILE B 112 -4.05 -25.57 3.82
CA ILE B 112 -4.11 -25.48 3.93
C ILE B 112 -2.62 -25.67 4.44
C ILE B 112 -2.66 -25.60 4.46
N PRO B 113 -2.52 -25.74 5.80
CA PRO B 113 -1.21 -25.86 6.41
C PRO B 113 -0.65 -27.29 6.28
N TYR B 114 -0.28 -27.70 5.08
CA TYR B 114 0.50 -28.95 4.88
C TYR B 114 1.70 -29.02 5.84
N ASN B 115 2.29 -27.84 6.08
CA ASN B 115 3.23 -27.67 7.17
C ASN B 115 2.53 -27.07 8.40
N PRO B 116 2.31 -27.90 9.44
CA PRO B 116 1.55 -27.45 10.63
C PRO B 116 2.14 -26.17 11.27
N GLN B 117 3.45 -25.94 11.08
CA GLN B 117 4.08 -24.68 11.50
C GLN B 117 3.33 -23.42 11.00
N SER B 118 2.80 -23.49 9.77
CA SER B 118 1.98 -22.42 9.18
C SER B 118 0.79 -21.96 10.05
N GLN B 119 -0.01 -22.88 10.60
CA GLN B 119 -1.07 -22.47 11.54
C GLN B 119 -0.50 -21.61 12.67
N GLY B 120 0.58 -22.11 13.30
CA GLY B 120 1.17 -21.50 14.49
C GLY B 120 1.71 -20.11 14.21
N VAL B 121 2.41 -19.97 13.08
CA VAL B 121 3.05 -18.70 12.73
C VAL B 121 1.96 -17.62 12.58
N ILE B 122 0.88 -17.91 11.85
N ILE B 122 0.88 -17.92 11.86
CA ILE B 122 -0.22 -16.96 11.66
CA ILE B 122 -0.20 -16.94 11.65
C ILE B 122 -0.86 -16.57 12.98
C ILE B 122 -0.91 -16.57 12.95
N GLU B 123 -1.13 -17.56 13.84
CA GLU B 123 -1.78 -17.28 15.13
C GLU B 123 -0.90 -16.34 15.92
N SER B 124 0.39 -16.63 15.90
CA SER B 124 1.32 -15.80 16.63
C SER B 124 1.38 -14.40 16.04
N MET B 125 1.37 -14.27 14.71
N MET B 125 1.37 -14.35 14.71
CA MET B 125 1.33 -12.90 14.17
CA MET B 125 1.24 -13.12 13.96
C MET B 125 0.02 -12.18 14.55
C MET B 125 0.05 -12.25 14.44
N ASN B 126 -1.13 -12.85 14.54
CA ASN B 126 -2.35 -12.13 14.96
C ASN B 126 -2.25 -11.63 16.38
N LYS B 127 -1.74 -12.49 17.29
CA LYS B 127 -1.54 -12.09 18.71
CA LYS B 127 -1.58 -12.05 18.67
C LYS B 127 -0.56 -10.91 18.79
N GLU B 128 0.54 -10.97 18.04
CA GLU B 128 1.53 -9.80 18.01
C GLU B 128 0.83 -8.50 17.54
N LEU B 129 0.08 -8.60 16.45
N LEU B 129 0.10 -8.60 16.45
CA LEU B 129 -0.53 -7.39 15.87
CA LEU B 129 -0.52 -7.43 15.85
C LEU B 129 -1.54 -6.84 16.82
C LEU B 129 -1.54 -6.85 16.80
N LYS B 130 -2.31 -7.73 17.45
CA LYS B 130 -3.30 -7.26 18.41
C LYS B 130 -2.63 -6.59 19.61
N LYS B 131 -1.50 -7.15 19.98
CA LYS B 131 -0.75 -6.57 21.12
C LYS B 131 -0.35 -5.13 20.74
N ILE B 132 0.19 -4.98 19.54
CA ILE B 132 0.67 -3.69 19.06
C ILE B 132 -0.47 -2.72 18.96
N ILE B 133 -1.57 -3.15 18.34
CA ILE B 133 -2.72 -2.34 18.24
C ILE B 133 -3.18 -1.84 19.66
N GLY B 134 -3.19 -2.75 20.68
CA GLY B 134 -3.51 -2.27 22.05
C GLY B 134 -2.53 -1.22 22.59
N GLN B 135 -1.26 -1.34 22.21
CA GLN B 135 -0.25 -0.37 22.65
C GLN B 135 -0.43 1.01 22.00
N VAL B 136 -1.02 1.07 20.81
CA VAL B 136 -1.27 2.38 20.13
C VAL B 136 -2.70 2.86 20.19
N ARG B 137 -3.60 1.98 20.71
CA ARG B 137 -5.03 2.21 20.47
C ARG B 137 -5.50 3.56 20.93
N ASP B 138 -4.99 4.04 22.06
CA ASP B 138 -5.39 5.32 22.62
C ASP B 138 -4.86 6.54 21.81
N GLN B 139 -3.96 6.31 20.87
CA GLN B 139 -3.43 7.44 20.07
C GLN B 139 -4.31 7.70 18.88
N ALA B 140 -5.29 6.86 18.62
CA ALA B 140 -6.07 6.99 17.38
C ALA B 140 -7.57 6.95 17.75
N GLU B 141 -8.34 7.79 17.10
CA GLU B 141 -9.79 7.75 17.24
C GLU B 141 -10.30 6.47 16.50
N HIS B 142 -9.87 6.29 15.25
CA HIS B 142 -10.40 5.20 14.41
C HIS B 142 -9.49 3.99 14.45
N LEU B 143 -10.06 2.81 14.52
CA LEU B 143 -9.29 1.58 14.44
C LEU B 143 -8.39 1.55 13.21
N LYS B 144 -8.84 1.99 12.00
CA LYS B 144 -7.93 1.88 10.84
C LYS B 144 -6.58 2.58 11.07
N THR B 145 -6.57 3.70 11.80
CA THR B 145 -5.26 4.35 12.11
C THR B 145 -4.38 3.47 12.99
N ALA B 146 -4.96 2.90 14.05
CA ALA B 146 -4.23 2.05 14.94
C ALA B 146 -3.66 0.87 14.17
N VAL B 147 -4.45 0.33 13.24
CA VAL B 147 -3.95 -0.84 12.47
C VAL B 147 -2.79 -0.40 11.58
N GLN B 148 -2.85 0.77 10.95
CA GLN B 148 -1.68 1.17 10.14
C GLN B 148 -0.49 1.46 11.03
N MET B 149 -0.73 2.00 12.27
CA MET B 149 0.46 2.23 13.17
C MET B 149 1.05 0.90 13.49
N ALA B 150 0.19 -0.12 13.66
CA ALA B 150 0.76 -1.48 13.96
C ALA B 150 1.51 -2.13 12.80
N VAL B 151 1.02 -1.94 11.58
CA VAL B 151 1.73 -2.40 10.39
C VAL B 151 3.13 -1.71 10.43
N PHE B 152 3.15 -0.41 10.69
CA PHE B 152 4.41 0.29 10.62
C PHE B 152 5.36 -0.29 11.68
N ILE B 153 4.89 -0.41 12.87
CA ILE B 153 5.80 -0.98 13.95
C ILE B 153 6.22 -2.39 13.62
N HIS B 154 5.28 -3.23 13.17
CA HIS B 154 5.65 -4.61 12.80
C HIS B 154 6.74 -4.66 11.73
N ASN B 155 6.58 -3.88 10.64
CA ASN B 155 7.47 -3.96 9.51
C ASN B 155 8.83 -3.32 9.82
N HIS B 156 8.88 -2.44 10.80
CA HIS B 156 10.20 -1.75 11.06
C HIS B 156 11.00 -2.48 12.20
N LYS B 157 10.34 -3.37 12.95
CA LYS B 157 10.96 -4.07 14.11
C LYS B 157 12.14 -4.91 13.75
N ARG B 158 13.28 -4.61 14.40
CA ARG B 158 14.52 -5.36 14.14
C ARG B 158 14.51 -6.67 14.97
N LYS B 159 14.73 -7.81 14.35
CA LYS B 159 14.81 -9.08 15.10
C LYS B 159 16.16 -9.77 14.93
N GLY B 164 21.00 -7.84 12.63
CA GLY B 164 19.56 -8.20 12.64
C GLY B 164 18.73 -7.24 11.78
N TYR B 165 17.76 -7.75 11.04
CA TYR B 165 17.11 -6.93 10.01
C TYR B 165 15.61 -6.85 10.33
N SER B 166 14.96 -5.84 9.78
CA SER B 166 13.49 -5.77 9.90
C SER B 166 12.81 -6.61 8.81
N ALA B 167 11.49 -6.84 8.96
CA ALA B 167 10.76 -7.51 7.85
C ALA B 167 10.82 -6.65 6.58
N GLY B 168 10.73 -5.33 6.72
CA GLY B 168 10.75 -4.46 5.53
C GLY B 168 12.11 -4.50 4.86
N GLU B 169 13.18 -4.64 5.69
CA GLU B 169 14.48 -4.86 5.04
C GLU B 169 14.56 -6.22 4.33
N ARG B 170 14.08 -7.28 4.97
CA ARG B 170 14.17 -8.62 4.45
C ARG B 170 13.40 -8.71 3.16
N ILE B 171 12.18 -8.13 3.12
CA ILE B 171 11.44 -8.29 1.83
C ILE B 171 12.15 -7.63 0.64
N VAL B 172 12.66 -6.41 0.82
CA VAL B 172 13.42 -5.70 -0.23
C VAL B 172 14.67 -6.52 -0.67
N ASP B 173 15.39 -7.09 0.30
CA ASP B 173 16.60 -7.92 -0.02
CA ASP B 173 16.60 -7.87 -0.04
C ASP B 173 16.21 -9.16 -0.81
N ILE B 174 15.15 -9.82 -0.38
CA ILE B 174 14.74 -11.04 -1.07
C ILE B 174 14.34 -10.74 -2.49
N ILE B 175 13.53 -9.70 -2.70
CA ILE B 175 13.06 -9.48 -4.05
C ILE B 175 14.20 -8.93 -4.91
N ALA B 176 15.06 -8.10 -4.33
CA ALA B 176 16.16 -7.53 -5.18
C ALA B 176 17.10 -8.67 -5.64
N THR B 177 17.35 -9.61 -4.76
CA THR B 177 18.20 -10.76 -5.06
C THR B 177 17.56 -11.50 -6.23
N ASP B 178 16.25 -11.73 -6.15
CA ASP B 178 15.49 -12.32 -7.23
C ASP B 178 15.49 -11.55 -8.57
N ILE B 179 15.46 -10.22 -8.52
CA ILE B 179 15.44 -9.45 -9.76
C ILE B 179 16.78 -9.68 -10.51
N GLN B 180 17.86 -9.77 -9.75
CA GLN B 180 19.22 -9.99 -10.28
C GLN B 180 19.47 -11.45 -10.76
N SER C 1 -22.55 -6.96 -12.83
CA SER C 1 -22.56 -5.95 -13.96
C SER C 1 -21.49 -6.06 -15.05
N LEU C 2 -20.84 -7.23 -15.13
N LEU C 2 -20.85 -7.23 -15.14
CA LEU C 2 -19.77 -7.58 -16.10
CA LEU C 2 -19.81 -7.47 -16.13
C LEU C 2 -18.36 -7.07 -15.72
C LEU C 2 -18.62 -6.51 -15.92
N LYS C 3 -18.29 -6.27 -14.64
CA LYS C 3 -17.08 -5.51 -14.25
C LYS C 3 -16.27 -6.37 -13.29
N ILE C 4 -14.96 -6.14 -13.20
CA ILE C 4 -14.03 -6.92 -12.35
C ILE C 4 -14.45 -6.84 -10.90
N ASP C 5 -15.00 -5.65 -10.55
CA ASP C 5 -15.36 -5.36 -9.16
C ASP C 5 -16.83 -5.58 -8.90
N ASN C 6 -17.58 -5.98 -9.93
CA ASN C 6 -19.02 -6.28 -9.76
C ASN C 6 -19.38 -7.24 -10.86
N LEU C 7 -19.12 -8.53 -10.60
CA LEU C 7 -19.22 -9.52 -11.70
C LEU C 7 -20.67 -9.53 -12.26
N ASP C 8 -21.63 -9.34 -11.36
CA ASP C 8 -23.05 -9.12 -11.72
C ASP C 8 -23.25 -8.10 -12.88
N SER D 1 -9.79 15.99 19.26
CA SER D 1 -10.01 15.07 20.41
C SER D 1 -8.75 14.45 21.03
N LEU D 2 -7.59 15.06 20.78
CA LEU D 2 -6.30 14.56 21.30
C LEU D 2 -5.79 13.26 20.66
N LYS D 3 -6.15 13.04 19.39
CA LYS D 3 -5.75 11.80 18.71
C LYS D 3 -4.95 12.19 17.50
N ILE D 4 -4.06 11.31 17.03
CA ILE D 4 -3.24 11.58 15.82
C ILE D 4 -4.13 11.86 14.62
N ASP D 5 -5.28 11.15 14.57
CA ASP D 5 -6.17 11.22 13.43
C ASP D 5 -7.34 12.16 13.71
N ASN D 6 -7.31 12.83 14.86
CA ASN D 6 -8.35 13.82 15.20
C ASN D 6 -7.75 14.68 16.29
N LEU D 7 -7.00 15.69 15.84
CA LEU D 7 -6.21 16.47 16.79
C LEU D 7 -7.14 17.18 17.79
N ASP D 8 -8.30 17.62 17.31
CA ASP D 8 -9.36 18.19 18.18
C ASP D 8 -9.70 17.32 19.43
S SO4 E . -5.70 18.04 -12.05
O1 SO4 E . -5.64 19.06 -13.06
O2 SO4 E . -6.86 17.23 -12.28
O3 SO4 E . -4.37 17.41 -12.16
O4 SO4 E . -5.95 18.49 -10.68
S SO4 F . -17.55 5.35 -7.90
O1 SO4 F . -16.81 5.61 -9.12
O2 SO4 F . -18.13 6.62 -7.47
O3 SO4 F . -18.56 4.34 -8.06
O4 SO4 F . -16.76 4.93 -6.74
S SO4 G . -5.82 19.98 9.65
O1 SO4 G . -5.97 21.35 10.02
O2 SO4 G . -4.83 19.66 10.68
O3 SO4 G . -7.07 19.20 9.70
O4 SO4 G . -5.41 19.83 8.26
S SO4 H . -1.66 3.32 0.18
O1 SO4 H . -2.94 3.83 0.53
O2 SO4 H . -1.57 1.92 0.70
O3 SO4 H . -1.60 3.33 -1.29
O4 SO4 H . -0.44 4.15 0.66
CL CL I . 9.45 -0.33 6.17
CL CL J . -10.07 18.66 -2.82
C ACY K . -7.75 1.91 3.54
O ACY K . -6.95 1.61 4.50
OXT ACY K . -8.78 1.16 3.15
CH3 ACY K . -7.56 3.23 2.82
S SO4 L . -9.80 -13.93 15.27
O1 SO4 L . -10.23 -12.67 15.82
O2 SO4 L . -10.73 -14.08 14.15
O3 SO4 L . -8.38 -14.06 14.89
O4 SO4 L . -9.90 -14.95 16.32
S SO4 M . -13.83 3.43 14.11
O1 SO4 M . -14.04 4.80 14.55
O2 SO4 M . -13.47 3.52 12.70
O3 SO4 M . -12.94 2.74 15.02
O4 SO4 M . -15.09 2.68 14.10
S SO4 N . -18.32 -13.36 -4.87
O1 SO4 N . -17.45 -13.59 -3.71
O2 SO4 N . -19.30 -14.41 -5.03
O3 SO4 N . -18.89 -12.02 -4.59
O4 SO4 N . -17.74 -13.59 -6.18
S SO4 O . -3.12 -2.35 0.89
O1 SO4 O . -2.71 -2.64 2.28
O2 SO4 O . -2.82 -3.60 0.05
O3 SO4 O . -4.47 -1.93 0.96
O4 SO4 O . -2.41 -1.14 0.38
CL CL P . 5.46 -4.39 -8.97
C ACY Q . -8.37 2.37 -0.21
O ACY Q . -7.82 2.31 -1.37
OXT ACY Q . -8.76 3.49 0.40
CH3 ACY Q . -8.65 1.06 0.49
#